data_7NLO
#
_entry.id   7NLO
#
_cell.length_a   175.298
_cell.length_b   175.298
_cell.length_c   70.537
_cell.angle_alpha   90.000
_cell.angle_beta   90.000
_cell.angle_gamma   120.000
#
_symmetry.space_group_name_H-M   'H 3 2'
#
loop_
_entity.id
_entity.type
_entity.pdbx_description
1 polymer 'Acetylglutamate kinase'
2 non-polymer ARGININE
3 non-polymer '2-[N-CYCLOHEXYLAMINO]ETHANE SULFONIC ACID'
4 non-polymer 1,2-ETHANEDIOL
5 water water
#
_entity_poly.entity_id   1
_entity_poly.type   'polypeptide(L)'
_entity_poly.pdbx_seq_one_letter_code
;GSMVSRIEALPTHIKAQVLAEALPWLKQLHGKVVVVKYGGNAMTDDTLRRAFAADMAFLRNCGIHPVVVHGGGPQITAML
RRLGIEGDFKGGFRVTTPEVLDVARMVLFGQVGRELVNLINAHGPYAVGITGEDAQLFTAVRRSVTVDGVATDIGLVGDV
DQVNTAAMLDLVAAGRIPVVSTLAPDADGVVHNINADTAAAAVAEALGAEKLLMLTDIDGLYTRWPDRDSLVSEIDTGTL
AQLLPTLESGMVPKVEACLRAVIGGVPSAHIIDGRVTHCVLVELFTDAGTGTKVVRG
;
_entity_poly.pdbx_strand_id   A
#
loop_
_chem_comp.id
_chem_comp.type
_chem_comp.name
_chem_comp.formula
EDO non-polymer 1,2-ETHANEDIOL 'C2 H6 O2'
NHE non-polymer '2-[N-CYCLOHEXYLAMINO]ETHANE SULFONIC ACID' 'C8 H17 N O3 S'
#
# COMPACT_ATOMS: atom_id res chain seq x y z
N ALA A 9 28.77 12.17 -15.11
CA ALA A 9 30.01 12.80 -14.66
C ALA A 9 30.30 12.43 -13.21
N LEU A 10 29.68 11.36 -12.77
CA LEU A 10 29.77 11.00 -11.36
C LEU A 10 31.01 10.15 -11.10
N PRO A 11 31.84 10.53 -10.12
CA PRO A 11 33.09 9.79 -9.90
C PRO A 11 32.83 8.37 -9.46
N THR A 12 33.76 7.48 -9.85
CA THR A 12 33.66 6.07 -9.53
C THR A 12 33.52 5.85 -8.03
N HIS A 13 34.34 6.54 -7.22
CA HIS A 13 34.32 6.28 -5.79
C HIS A 13 33.00 6.68 -5.15
N ILE A 14 32.28 7.62 -5.74
CA ILE A 14 30.94 7.96 -5.28
C ILE A 14 29.94 6.86 -5.66
N LYS A 15 30.02 6.35 -6.89
CA LYS A 15 29.18 5.21 -7.25
C LYS A 15 29.41 4.07 -6.27
N ALA A 16 30.68 3.81 -5.93
CA ALA A 16 31.00 2.70 -5.04
C ALA A 16 30.38 2.90 -3.67
N GLN A 17 30.43 4.13 -3.14
CA GLN A 17 29.89 4.40 -1.80
C GLN A 17 28.38 4.18 -1.76
N VAL A 18 27.65 4.70 -2.76
CA VAL A 18 26.20 4.48 -2.81
C VAL A 18 25.88 2.98 -2.87
N LEU A 19 26.53 2.25 -3.77
CA LEU A 19 26.27 0.81 -3.88
C LEU A 19 26.62 0.08 -2.58
N ALA A 20 27.80 0.35 -2.02
CA ALA A 20 28.23 -0.37 -0.82
C ALA A 20 27.26 -0.15 0.34
N GLU A 21 26.63 1.03 0.40
CA GLU A 21 25.72 1.35 1.50
C GLU A 21 24.47 0.48 1.49
N ALA A 22 24.14 -0.15 0.35
CA ALA A 22 22.98 -1.02 0.29
C ALA A 22 23.17 -2.34 1.02
N LEU A 23 24.42 -2.73 1.33
CA LEU A 23 24.69 -4.09 1.81
C LEU A 23 23.89 -4.46 3.06
N PRO A 24 23.87 -3.67 4.14
CA PRO A 24 23.12 -4.12 5.32
C PRO A 24 21.63 -4.29 5.06
N TRP A 25 21.07 -3.51 4.13
CA TRP A 25 19.66 -3.61 3.81
C TRP A 25 19.37 -4.80 2.90
N LEU A 26 20.28 -5.11 1.96
CA LEU A 26 20.11 -6.34 1.18
C LEU A 26 20.19 -7.56 2.09
N LYS A 27 21.10 -7.55 3.07
CA LYS A 27 21.15 -8.66 4.03
C LYS A 27 19.84 -8.82 4.75
N GLN A 28 19.27 -7.70 5.20
CA GLN A 28 18.06 -7.73 6.01
C GLN A 28 16.85 -8.19 5.20
N LEU A 29 16.82 -7.89 3.91
CA LEU A 29 15.66 -8.13 3.07
C LEU A 29 15.70 -9.42 2.27
N HIS A 30 16.88 -10.02 2.14
CA HIS A 30 17.00 -11.18 1.26
C HIS A 30 16.07 -12.29 1.71
N GLY A 31 15.24 -12.75 0.78
CA GLY A 31 14.29 -13.80 1.07
C GLY A 31 13.08 -13.39 1.88
N LYS A 32 12.88 -12.08 2.11
CA LYS A 32 11.80 -11.58 2.93
C LYS A 32 10.72 -10.93 2.06
N VAL A 33 9.51 -10.84 2.63
CA VAL A 33 8.38 -10.18 1.99
C VAL A 33 8.42 -8.69 2.28
N VAL A 34 8.14 -7.87 1.27
CA VAL A 34 7.92 -6.44 1.45
C VAL A 34 6.57 -6.12 0.80
N VAL A 35 5.64 -5.60 1.60
CA VAL A 35 4.36 -5.14 1.07
C VAL A 35 4.48 -3.67 0.76
N VAL A 36 4.04 -3.28 -0.43
CA VAL A 36 4.19 -1.89 -0.89
C VAL A 36 2.79 -1.39 -1.25
N LYS A 37 2.34 -0.35 -0.54
CA LYS A 37 1.08 0.31 -0.87
C LYS A 37 1.35 1.36 -1.93
N TYR A 38 0.77 1.15 -3.10
CA TYR A 38 1.03 1.95 -4.29
C TYR A 38 -0.17 2.86 -4.51
N GLY A 39 0.10 4.15 -4.64
CA GLY A 39 -0.95 5.11 -4.86
C GLY A 39 -0.46 6.53 -5.00
N GLY A 40 -1.37 7.43 -5.32
CA GLY A 40 -1.04 8.83 -5.50
C GLY A 40 -0.35 9.05 -6.82
N ASN A 41 0.56 10.01 -6.85
CA ASN A 41 1.30 10.36 -8.05
C ASN A 41 2.12 9.29 -8.64
N ALA A 42 2.79 8.50 -7.82
CA ALA A 42 3.63 7.42 -8.29
C ALA A 42 2.85 6.59 -9.25
N MET A 43 1.54 6.68 -9.18
CA MET A 43 0.69 5.93 -10.07
C MET A 43 0.12 6.82 -11.18
N THR A 44 0.34 8.14 -11.13
CA THR A 44 -0.23 9.00 -12.17
C THR A 44 0.80 9.54 -13.18
N ASP A 45 1.96 10.02 -12.73
CA ASP A 45 2.94 10.54 -13.67
C ASP A 45 3.71 9.38 -14.28
N ASP A 46 3.92 9.43 -15.60
CA ASP A 46 4.47 8.28 -16.30
C ASP A 46 5.88 7.94 -15.83
N THR A 47 6.73 8.95 -15.60
CA THR A 47 8.10 8.67 -15.13
C THR A 47 8.09 7.99 -13.77
N LEU A 48 7.26 8.49 -12.85
CA LEU A 48 7.21 7.87 -11.53
C LEU A 48 6.69 6.44 -11.61
N ARG A 49 5.67 6.19 -12.45
CA ARG A 49 5.07 4.86 -12.49
C ARG A 49 6.00 3.84 -13.14
N ARG A 50 6.72 4.23 -14.19
CA ARG A 50 7.67 3.31 -14.81
C ARG A 50 8.83 3.01 -13.86
N ALA A 51 9.25 4.00 -13.06
CA ALA A 51 10.30 3.77 -12.08
C ALA A 51 9.82 2.85 -10.96
N PHE A 52 8.57 3.01 -10.51
CA PHE A 52 8.02 2.11 -9.51
C PHE A 52 7.98 0.68 -10.00
N ALA A 53 7.52 0.46 -11.24
CA ALA A 53 7.51 -0.88 -11.81
C ALA A 53 8.91 -1.45 -11.90
N ALA A 54 9.87 -0.65 -12.36
CA ALA A 54 11.26 -1.08 -12.41
C ALA A 54 11.80 -1.46 -11.04
N ASP A 55 11.37 -0.74 -9.98
CA ASP A 55 11.82 -1.07 -8.64
C ASP A 55 11.25 -2.39 -8.14
N MET A 56 10.04 -2.77 -8.57
CA MET A 56 9.53 -4.10 -8.22
C MET A 56 10.36 -5.18 -8.89
N ALA A 57 10.75 -4.95 -10.15
CA ALA A 57 11.65 -5.89 -10.81
C ALA A 57 13.00 -5.94 -10.08
N PHE A 58 13.49 -4.79 -9.61
CA PHE A 58 14.74 -4.73 -8.85
C PHE A 58 14.68 -5.64 -7.62
N LEU A 59 13.64 -5.50 -6.79
CA LEU A 59 13.54 -6.33 -5.59
C LEU A 59 13.52 -7.80 -5.95
N ARG A 60 12.74 -8.17 -6.96
CA ARG A 60 12.68 -9.55 -7.40
C ARG A 60 14.06 -10.06 -7.82
N ASN A 61 14.84 -9.21 -8.49
CA ASN A 61 16.15 -9.65 -8.96
C ASN A 61 17.25 -9.50 -7.89
N CYS A 62 16.88 -9.17 -6.65
CA CYS A 62 17.77 -9.33 -5.50
C CYS A 62 17.34 -10.49 -4.61
N GLY A 63 16.32 -11.27 -5.02
CA GLY A 63 15.81 -12.32 -4.15
C GLY A 63 14.86 -11.84 -3.08
N ILE A 64 14.34 -10.65 -3.22
CA ILE A 64 13.36 -10.09 -2.30
C ILE A 64 11.97 -10.34 -2.87
N HIS A 65 10.95 -10.34 -1.99
CA HIS A 65 9.59 -10.78 -2.36
C HIS A 65 8.56 -9.67 -2.22
N PRO A 66 8.44 -8.80 -3.21
CA PRO A 66 7.48 -7.69 -3.11
C PRO A 66 6.03 -8.15 -3.30
N VAL A 67 5.14 -7.49 -2.59
CA VAL A 67 3.70 -7.66 -2.76
C VAL A 67 3.10 -6.26 -2.85
N VAL A 68 2.43 -5.97 -3.96
CA VAL A 68 1.91 -4.62 -4.22
C VAL A 68 0.42 -4.60 -3.94
N VAL A 69 -0.01 -3.66 -3.11
CA VAL A 69 -1.42 -3.39 -2.85
C VAL A 69 -1.73 -2.00 -3.39
N HIS A 70 -2.79 -1.89 -4.18
CA HIS A 70 -3.10 -0.60 -4.80
C HIS A 70 -4.52 -0.18 -4.51
N GLY A 71 -4.77 1.12 -4.59
CA GLY A 71 -6.10 1.66 -4.54
C GLY A 71 -6.52 2.23 -5.88
N GLY A 72 -7.51 3.12 -5.84
CA GLY A 72 -7.96 3.74 -7.08
C GLY A 72 -9.24 4.52 -6.92
N GLY A 73 -9.39 5.19 -5.77
CA GLY A 73 -10.56 5.99 -5.47
C GLY A 73 -10.97 6.96 -6.58
N PRO A 74 -10.03 7.79 -7.04
CA PRO A 74 -10.37 8.75 -8.08
C PRO A 74 -10.77 8.11 -9.41
N GLN A 75 -10.14 7.00 -9.78
CA GLN A 75 -10.57 6.28 -10.99
C GLN A 75 -11.98 5.74 -10.85
N ILE A 76 -12.35 5.29 -9.64
CA ILE A 76 -13.70 4.77 -9.43
C ILE A 76 -14.72 5.89 -9.57
N THR A 77 -14.47 7.03 -8.93
CA THR A 77 -15.36 8.18 -9.07
C THR A 77 -15.51 8.59 -10.53
N ALA A 78 -14.40 8.61 -11.27
CA ALA A 78 -14.45 9.02 -12.67
C ALA A 78 -15.33 8.10 -13.49
N MET A 79 -15.23 6.78 -13.25
CA MET A 79 -16.02 5.83 -14.01
C MET A 79 -17.51 5.91 -13.63
N LEU A 80 -17.80 6.10 -12.34
CA LEU A 80 -19.18 6.22 -11.91
C LEU A 80 -19.85 7.43 -12.56
N ARG A 81 -19.10 8.53 -12.71
CA ARG A 81 -19.67 9.70 -13.38
C ARG A 81 -19.90 9.43 -14.86
N ARG A 82 -18.97 8.70 -15.49
CA ARG A 82 -19.14 8.36 -16.92
C ARG A 82 -20.36 7.48 -17.16
N LEU A 83 -20.68 6.61 -16.20
CA LEU A 83 -21.86 5.75 -16.29
C LEU A 83 -23.13 6.44 -15.84
N GLY A 84 -23.05 7.65 -15.31
CA GLY A 84 -24.24 8.34 -14.86
C GLY A 84 -24.90 7.72 -13.65
N ILE A 85 -24.11 7.11 -12.78
CA ILE A 85 -24.63 6.45 -11.58
C ILE A 85 -24.65 7.48 -10.46
N GLU A 86 -25.84 7.93 -10.09
CA GLU A 86 -25.98 8.89 -9.02
C GLU A 86 -25.57 8.28 -7.68
N GLY A 87 -24.71 8.98 -6.96
CA GLY A 87 -24.25 8.50 -5.67
C GLY A 87 -25.10 9.02 -4.52
N ASP A 88 -25.15 8.25 -3.45
CA ASP A 88 -25.73 8.69 -2.20
C ASP A 88 -24.62 8.75 -1.16
N PHE A 89 -24.57 9.84 -0.42
CA PHE A 89 -23.46 10.14 0.47
C PHE A 89 -23.94 10.30 1.91
N LYS A 90 -23.20 9.71 2.84
CA LYS A 90 -23.43 9.86 4.27
C LYS A 90 -22.15 10.45 4.86
N GLY A 91 -22.24 11.67 5.38
CA GLY A 91 -21.01 12.38 5.72
C GLY A 91 -20.18 12.51 4.45
N GLY A 92 -18.90 12.23 4.56
CA GLY A 92 -18.09 12.26 3.35
C GLY A 92 -18.03 10.98 2.55
N PHE A 93 -18.90 10.01 2.82
CA PHE A 93 -18.75 8.66 2.30
C PHE A 93 -19.80 8.36 1.24
N ARG A 94 -19.36 7.85 0.09
CA ARG A 94 -20.29 7.29 -0.88
C ARG A 94 -20.78 5.93 -0.39
N VAL A 95 -22.08 5.71 -0.45
CA VAL A 95 -22.60 4.38 -0.10
C VAL A 95 -22.29 3.42 -1.23
N THR A 96 -21.67 2.30 -0.90
CA THR A 96 -21.30 1.30 -1.89
C THR A 96 -22.46 0.34 -2.05
N THR A 97 -23.35 0.68 -2.99
CA THR A 97 -24.43 -0.20 -3.41
C THR A 97 -23.84 -1.41 -4.14
N PRO A 98 -24.65 -2.45 -4.40
CA PRO A 98 -24.14 -3.54 -5.24
C PRO A 98 -23.69 -3.06 -6.61
N GLU A 99 -24.37 -2.04 -7.15
CA GLU A 99 -23.95 -1.44 -8.41
C GLU A 99 -22.59 -0.78 -8.28
N VAL A 100 -22.40 0.03 -7.22
CA VAL A 100 -21.14 0.72 -7.02
C VAL A 100 -20.02 -0.29 -6.83
N LEU A 101 -20.30 -1.38 -6.11
CA LEU A 101 -19.30 -2.42 -5.91
C LEU A 101 -18.85 -3.02 -7.23
N ASP A 102 -19.80 -3.34 -8.11
CA ASP A 102 -19.45 -3.90 -9.41
C ASP A 102 -18.55 -2.96 -10.21
N VAL A 103 -18.85 -1.66 -10.17
CA VAL A 103 -18.01 -0.69 -10.89
C VAL A 103 -16.63 -0.59 -10.23
N ALA A 104 -16.59 -0.52 -8.89
CA ALA A 104 -15.31 -0.45 -8.19
C ALA A 104 -14.42 -1.63 -8.53
N ARG A 105 -15.00 -2.83 -8.51
CA ARG A 105 -14.21 -4.04 -8.79
C ARG A 105 -13.71 -4.05 -10.22
N MET A 106 -14.60 -3.68 -11.16
CA MET A 106 -14.22 -3.67 -12.55
C MET A 106 -13.14 -2.60 -12.82
N VAL A 107 -13.21 -1.45 -12.14
CA VAL A 107 -12.17 -0.43 -12.31
C VAL A 107 -10.84 -0.89 -11.67
N LEU A 108 -10.90 -1.30 -10.39
CA LEU A 108 -9.67 -1.64 -9.67
C LEU A 108 -8.95 -2.83 -10.31
N PHE A 109 -9.69 -3.91 -10.57
CA PHE A 109 -9.09 -5.15 -11.04
C PHE A 109 -8.93 -5.18 -12.55
N GLY A 110 -9.86 -4.56 -13.28
CA GLY A 110 -9.89 -4.60 -14.72
C GLY A 110 -9.21 -3.45 -15.43
N GLN A 111 -8.75 -2.43 -14.70
CA GLN A 111 -8.10 -1.28 -15.32
C GLN A 111 -6.84 -0.88 -14.51
N VAL A 112 -7.03 -0.53 -13.24
CA VAL A 112 -5.90 0.00 -12.46
C VAL A 112 -4.84 -1.08 -12.26
N GLY A 113 -5.25 -2.23 -11.74
CA GLY A 113 -4.32 -3.34 -11.58
C GLY A 113 -3.68 -3.76 -12.89
N ARG A 114 -4.46 -3.72 -13.98
CA ARG A 114 -3.94 -4.11 -15.29
C ARG A 114 -2.78 -3.22 -15.70
N GLU A 115 -2.87 -1.91 -15.44
CA GLU A 115 -1.76 -1.02 -15.81
C GLU A 115 -0.49 -1.45 -15.11
N LEU A 116 -0.57 -1.77 -13.82
CA LEU A 116 0.64 -2.08 -13.06
C LEU A 116 1.22 -3.43 -13.47
N VAL A 117 0.35 -4.42 -13.73
CA VAL A 117 0.85 -5.72 -14.15
C VAL A 117 1.65 -5.59 -15.44
N ASN A 118 1.12 -4.84 -16.38
CA ASN A 118 1.81 -4.66 -17.64
C ASN A 118 3.11 -3.89 -17.55
N LEU A 119 3.14 -2.88 -16.72
CA LEU A 119 4.34 -2.09 -16.55
C LEU A 119 5.42 -2.95 -15.93
N ILE A 120 5.07 -3.66 -14.89
CA ILE A 120 6.03 -4.51 -14.24
C ILE A 120 6.51 -5.56 -15.22
N ASN A 121 5.57 -6.16 -15.94
CA ASN A 121 5.93 -7.20 -16.87
C ASN A 121 6.72 -6.83 -18.10
N ALA A 122 7.07 -5.57 -18.22
CA ALA A 122 7.94 -5.16 -19.28
C ALA A 122 9.33 -5.69 -18.92
N HIS A 123 9.52 -5.98 -17.65
CA HIS A 123 10.78 -6.46 -17.13
C HIS A 123 10.91 -7.94 -16.99
N GLY A 124 9.81 -8.66 -17.08
CA GLY A 124 9.84 -10.09 -16.92
C GLY A 124 8.50 -10.66 -16.55
N PRO A 125 8.45 -12.04 -16.55
CA PRO A 125 7.14 -12.60 -16.23
C PRO A 125 6.87 -12.62 -14.74
N TYR A 126 6.79 -11.45 -14.14
CA TYR A 126 6.63 -11.37 -12.71
C TYR A 126 5.27 -11.14 -12.11
N ALA A 127 4.59 -10.09 -12.53
CA ALA A 127 3.34 -9.72 -11.92
C ALA A 127 2.12 -10.53 -12.25
N VAL A 128 1.29 -10.70 -11.25
CA VAL A 128 0.05 -11.43 -11.37
C VAL A 128 -1.01 -10.69 -10.57
N GLY A 129 -2.15 -10.42 -11.18
CA GLY A 129 -3.20 -9.72 -10.50
C GLY A 129 -4.11 -10.64 -9.71
N ILE A 130 -4.48 -10.21 -8.52
CA ILE A 130 -5.36 -10.97 -7.69
C ILE A 130 -6.24 -10.13 -6.79
N THR A 131 -7.36 -10.68 -6.38
CA THR A 131 -8.24 -10.07 -5.42
C THR A 131 -8.44 -11.16 -4.39
N GLY A 132 -9.19 -10.88 -3.35
CA GLY A 132 -9.48 -11.87 -2.34
C GLY A 132 -10.38 -12.97 -2.89
N GLU A 133 -11.05 -12.69 -4.00
CA GLU A 133 -11.93 -13.68 -4.63
C GLU A 133 -11.14 -14.87 -5.17
N ASP A 134 -9.95 -14.61 -5.71
CA ASP A 134 -9.18 -15.66 -6.38
C ASP A 134 -8.60 -16.62 -5.34
N ALA A 135 -8.93 -17.92 -5.50
CA ALA A 135 -8.44 -18.98 -4.61
C ALA A 135 -8.74 -18.68 -3.15
N GLN A 136 -9.80 -17.90 -2.88
CA GLN A 136 -10.16 -17.51 -1.53
C GLN A 136 -8.94 -16.98 -0.77
N LEU A 137 -8.20 -16.08 -1.42
CA LEU A 137 -6.93 -15.64 -0.86
C LEU A 137 -7.13 -14.78 0.38
N PHE A 138 -8.21 -14.01 0.46
CA PHE A 138 -8.55 -13.36 1.73
C PHE A 138 -10.03 -13.02 1.74
N THR A 139 -10.55 -12.84 2.94
CA THR A 139 -11.95 -12.53 3.13
C THR A 139 -12.11 -11.13 3.71
N ALA A 140 -13.33 -10.62 3.58
CA ALA A 140 -13.69 -9.30 4.08
C ALA A 140 -14.73 -9.45 5.18
N VAL A 141 -14.78 -8.46 6.07
CA VAL A 141 -15.85 -8.32 7.05
C VAL A 141 -16.41 -6.91 6.94
N ARG A 142 -17.73 -6.79 6.98
CA ARG A 142 -18.37 -5.49 6.77
C ARG A 142 -18.02 -4.54 7.90
N ARG A 143 -17.80 -3.28 7.56
CA ARG A 143 -17.39 -2.27 8.52
C ARG A 143 -18.31 -1.06 8.44
N SER A 144 -18.64 -0.52 9.61
CA SER A 144 -19.30 0.77 9.70
C SER A 144 -18.26 1.89 9.79
N VAL A 145 -18.69 3.10 9.51
CA VAL A 145 -17.87 4.28 9.70
C VAL A 145 -18.60 5.22 10.65
N THR A 146 -17.84 6.08 11.31
CA THR A 146 -18.40 7.01 12.27
C THR A 146 -18.71 8.33 11.57
N VAL A 147 -19.99 8.68 11.51
CA VAL A 147 -20.46 9.91 10.91
C VAL A 147 -21.13 10.72 12.00
N ASP A 148 -20.54 11.88 12.34
CA ASP A 148 -20.99 12.69 13.48
C ASP A 148 -20.96 11.88 14.77
N GLY A 149 -19.95 11.04 14.91
CA GLY A 149 -19.77 10.27 16.13
C GLY A 149 -20.77 9.15 16.35
N VAL A 150 -21.52 8.75 15.33
CA VAL A 150 -22.39 7.59 15.41
C VAL A 150 -22.02 6.62 14.30
N ALA A 151 -21.99 5.32 14.63
CA ALA A 151 -21.63 4.30 13.65
C ALA A 151 -22.66 4.30 12.52
N THR A 152 -22.15 4.29 11.29
CA THR A 152 -22.99 4.46 10.10
C THR A 152 -22.64 3.41 9.07
N ASP A 153 -23.67 2.78 8.50
CA ASP A 153 -23.48 1.82 7.43
C ASP A 153 -23.39 2.54 6.09
N ILE A 154 -22.41 2.16 5.27
CA ILE A 154 -22.22 2.77 3.97
C ILE A 154 -22.04 1.71 2.91
N GLY A 155 -22.75 0.58 3.05
CA GLY A 155 -22.76 -0.41 2.00
C GLY A 155 -21.65 -1.44 2.07
N LEU A 156 -21.25 -1.95 0.90
CA LEU A 156 -20.38 -3.12 0.79
C LEU A 156 -18.90 -2.74 0.90
N VAL A 157 -18.56 -2.16 2.04
CA VAL A 157 -17.17 -1.85 2.34
C VAL A 157 -16.80 -2.61 3.60
N GLY A 158 -15.53 -2.97 3.69
CA GLY A 158 -15.10 -3.83 4.76
C GLY A 158 -13.63 -3.71 5.06
N ASP A 159 -13.20 -4.49 6.05
CA ASP A 159 -11.79 -4.73 6.37
C ASP A 159 -11.43 -6.15 5.97
N VAL A 160 -10.13 -6.37 5.77
CA VAL A 160 -9.62 -7.74 5.63
C VAL A 160 -9.97 -8.52 6.89
N ASP A 161 -10.52 -9.72 6.70
CA ASP A 161 -10.89 -10.56 7.83
C ASP A 161 -9.81 -11.63 8.05
N GLN A 162 -9.67 -12.58 7.13
CA GLN A 162 -8.65 -13.60 7.22
C GLN A 162 -7.90 -13.69 5.89
N VAL A 163 -6.63 -14.13 5.95
CA VAL A 163 -5.76 -14.20 4.79
C VAL A 163 -5.29 -15.64 4.62
N ASN A 164 -5.33 -16.13 3.37
CA ASN A 164 -4.81 -17.45 3.03
C ASN A 164 -3.29 -17.34 2.92
N THR A 165 -2.65 -17.28 4.09
CA THR A 165 -1.22 -16.95 4.15
C THR A 165 -0.40 -17.96 3.35
N ALA A 166 -0.76 -19.24 3.45
CA ALA A 166 -0.03 -20.29 2.75
C ALA A 166 -0.16 -20.12 1.24
N ALA A 167 -1.39 -19.92 0.75
CA ALA A 167 -1.58 -19.78 -0.68
C ALA A 167 -0.90 -18.51 -1.21
N MET A 168 -0.97 -17.42 -0.44
CA MET A 168 -0.28 -16.21 -0.83
C MET A 168 1.22 -16.44 -0.89
N LEU A 169 1.80 -17.07 0.14
CA LEU A 169 3.25 -17.28 0.15
C LEU A 169 3.69 -18.29 -0.90
N ASP A 170 2.80 -19.21 -1.30
CA ASP A 170 3.11 -20.11 -2.41
C ASP A 170 3.28 -19.33 -3.72
N LEU A 171 2.37 -18.38 -3.97
CA LEU A 171 2.49 -17.57 -5.18
C LEU A 171 3.80 -16.79 -5.21
N VAL A 172 4.19 -16.23 -4.05
CA VAL A 172 5.42 -15.47 -3.97
C VAL A 172 6.63 -16.38 -4.08
N ALA A 173 6.53 -17.60 -3.54
CA ALA A 173 7.60 -18.57 -3.69
C ALA A 173 7.77 -18.98 -5.14
N ALA A 174 6.69 -18.98 -5.92
CA ALA A 174 6.80 -19.29 -7.34
C ALA A 174 7.52 -18.19 -8.13
N GLY A 175 8.03 -17.16 -7.46
CA GLY A 175 8.68 -16.05 -8.13
C GLY A 175 7.76 -14.98 -8.69
N ARG A 176 6.50 -14.93 -8.28
CA ARG A 176 5.55 -13.96 -8.81
C ARG A 176 5.44 -12.75 -7.88
N ILE A 177 5.07 -11.62 -8.47
CA ILE A 177 4.76 -10.41 -7.71
C ILE A 177 3.25 -10.24 -7.71
N PRO A 178 2.58 -10.48 -6.62
CA PRO A 178 1.15 -10.28 -6.64
C PRO A 178 0.80 -8.81 -6.67
N VAL A 179 -0.11 -8.44 -7.54
CA VAL A 179 -0.58 -7.09 -7.61
C VAL A 179 -2.00 -7.23 -7.11
N VAL A 180 -2.25 -6.73 -5.91
CA VAL A 180 -3.52 -6.88 -5.27
C VAL A 180 -4.55 -5.77 -5.32
N SER A 181 -5.71 -6.09 -5.86
CA SER A 181 -6.85 -5.20 -5.91
C SER A 181 -7.66 -5.62 -4.69
N THR A 182 -7.96 -4.69 -3.82
CA THR A 182 -8.60 -5.03 -2.58
C THR A 182 -10.09 -5.26 -2.48
N LEU A 183 -10.56 -6.28 -3.14
CA LEU A 183 -11.94 -6.69 -3.07
C LEU A 183 -11.88 -8.07 -2.46
N ALA A 184 -12.91 -8.48 -1.75
CA ALA A 184 -12.88 -9.82 -1.15
C ALA A 184 -14.28 -10.21 -0.74
N PRO A 185 -14.58 -11.51 -0.74
CA PRO A 185 -15.90 -11.97 -0.29
C PRO A 185 -15.98 -12.01 1.22
N ASP A 186 -17.19 -11.78 1.73
CA ASP A 186 -17.45 -12.04 3.13
C ASP A 186 -17.74 -13.53 3.30
N ALA A 187 -18.14 -13.94 4.51
CA ALA A 187 -18.35 -15.35 4.78
C ALA A 187 -19.48 -15.96 3.96
N ASP A 188 -20.38 -15.12 3.43
CA ASP A 188 -21.48 -15.57 2.59
C ASP A 188 -21.19 -15.40 1.11
N GLY A 189 -19.96 -15.03 0.75
CA GLY A 189 -19.58 -14.88 -0.62
C GLY A 189 -19.89 -13.54 -1.24
N VAL A 190 -20.38 -12.57 -0.46
CA VAL A 190 -20.71 -11.24 -0.98
C VAL A 190 -19.45 -10.38 -1.00
N VAL A 191 -19.08 -9.88 -2.17
CA VAL A 191 -17.82 -9.18 -2.32
C VAL A 191 -17.94 -7.76 -1.80
N HIS A 192 -16.92 -7.33 -1.05
CA HIS A 192 -16.81 -5.98 -0.51
C HIS A 192 -15.54 -5.32 -1.04
N ASN A 193 -15.54 -3.98 -1.01
CA ASN A 193 -14.39 -3.15 -1.33
C ASN A 193 -13.69 -2.77 -0.03
N ILE A 194 -12.39 -2.98 0.05
CA ILE A 194 -11.61 -2.72 1.26
C ILE A 194 -10.68 -1.55 1.00
N ASN A 195 -10.61 -0.62 1.95
CA ASN A 195 -9.64 0.48 1.86
C ASN A 195 -8.23 -0.07 1.69
N ALA A 196 -7.51 0.44 0.68
CA ALA A 196 -6.25 -0.19 0.31
C ALA A 196 -5.16 0.04 1.35
N ASP A 197 -5.21 1.15 2.10
CA ASP A 197 -4.23 1.35 3.16
C ASP A 197 -4.41 0.32 4.28
N THR A 198 -5.65 0.13 4.74
CA THR A 198 -5.88 -0.82 5.81
C THR A 198 -5.56 -2.24 5.33
N ALA A 199 -5.87 -2.54 4.08
CA ALA A 199 -5.57 -3.86 3.52
C ALA A 199 -4.07 -4.11 3.47
N ALA A 200 -3.28 -3.13 3.02
CA ALA A 200 -1.83 -3.31 2.94
C ALA A 200 -1.25 -3.71 4.30
N ALA A 201 -1.69 -3.03 5.37
CA ALA A 201 -1.20 -3.37 6.70
C ALA A 201 -1.65 -4.75 7.14
N ALA A 202 -2.89 -5.14 6.80
CA ALA A 202 -3.37 -6.48 7.15
C ALA A 202 -2.58 -7.56 6.41
N VAL A 203 -2.29 -7.33 5.13
CA VAL A 203 -1.52 -8.30 4.36
C VAL A 203 -0.10 -8.38 4.88
N ALA A 204 0.52 -7.24 5.17
CA ALA A 204 1.87 -7.24 5.72
C ALA A 204 1.95 -8.07 7.00
N GLU A 205 1.03 -7.85 7.94
CA GLU A 205 1.04 -8.62 9.17
C GLU A 205 0.82 -10.10 8.90
N ALA A 206 -0.13 -10.43 8.02
CA ALA A 206 -0.48 -11.83 7.77
C ALA A 206 0.67 -12.60 7.12
N LEU A 207 1.41 -11.95 6.22
CA LEU A 207 2.49 -12.62 5.52
C LEU A 207 3.81 -12.59 6.27
N GLY A 208 3.87 -11.98 7.44
CA GLY A 208 5.14 -11.85 8.14
C GLY A 208 6.14 -10.99 7.40
N ALA A 209 5.68 -9.89 6.81
CA ALA A 209 6.56 -9.02 6.03
C ALA A 209 7.65 -8.40 6.89
N GLU A 210 8.83 -8.23 6.27
CA GLU A 210 9.93 -7.51 6.92
C GLU A 210 9.65 -6.00 6.97
N LYS A 211 9.08 -5.44 5.90
CA LYS A 211 8.76 -4.02 5.87
C LYS A 211 7.43 -3.81 5.17
N LEU A 212 6.74 -2.74 5.57
CA LEU A 212 5.59 -2.21 4.85
C LEU A 212 5.93 -0.79 4.39
N LEU A 213 5.79 -0.54 3.09
CA LEU A 213 6.03 0.77 2.52
C LEU A 213 4.71 1.36 2.04
N MET A 214 4.49 2.62 2.37
CA MET A 214 3.27 3.33 1.95
C MET A 214 3.65 4.62 1.25
N LEU A 215 3.38 4.68 -0.05
CA LEU A 215 3.73 5.86 -0.84
C LEU A 215 2.66 6.92 -0.64
N THR A 216 3.10 8.13 -0.31
CA THR A 216 2.22 9.29 -0.12
C THR A 216 2.76 10.45 -0.94
N ASP A 217 2.01 11.55 -0.98
CA ASP A 217 2.41 12.72 -1.74
C ASP A 217 3.02 13.80 -0.84
N ILE A 218 3.88 13.45 0.12
CA ILE A 218 4.52 14.43 0.99
C ILE A 218 5.87 13.87 1.42
N ASP A 219 6.77 14.77 1.88
CA ASP A 219 8.14 14.36 2.21
C ASP A 219 8.16 13.31 3.31
N GLY A 220 7.20 13.36 4.22
CA GLY A 220 7.20 12.46 5.36
C GLY A 220 6.17 12.92 6.37
N LEU A 221 6.38 12.52 7.62
CA LEU A 221 5.43 12.81 8.68
C LEU A 221 5.81 14.09 9.40
N TYR A 222 4.96 15.12 9.28
CA TYR A 222 5.08 16.31 10.09
C TYR A 222 4.23 16.11 11.35
N THR A 223 4.87 16.19 12.53
CA THR A 223 4.13 15.96 13.77
C THR A 223 3.31 17.17 14.20
N ARG A 224 3.59 18.36 13.65
CA ARG A 224 2.87 19.58 14.01
C ARG A 224 2.66 20.45 12.77
N TRP A 225 2.01 19.87 11.77
CA TRP A 225 1.72 20.58 10.51
C TRP A 225 1.03 21.91 10.81
N PRO A 226 1.43 23.00 10.11
CA PRO A 226 2.43 23.07 9.03
C PRO A 226 3.85 23.47 9.46
N ASP A 227 4.26 23.23 10.71
CA ASP A 227 5.60 23.62 11.13
C ASP A 227 6.64 22.78 10.40
N ARG A 228 7.49 23.44 9.60
CA ARG A 228 8.50 22.71 8.82
C ARG A 228 9.42 21.91 9.71
N ASP A 229 9.75 22.43 10.90
CA ASP A 229 10.67 21.76 11.81
C ASP A 229 10.03 20.60 12.57
N SER A 230 8.78 20.25 12.28
CA SER A 230 8.18 19.09 12.94
C SER A 230 8.28 17.82 12.10
N LEU A 231 8.92 17.89 10.93
CA LEU A 231 9.16 16.69 10.14
C LEU A 231 10.12 15.77 10.89
N VAL A 232 9.84 14.48 10.86
CA VAL A 232 10.65 13.47 11.54
C VAL A 232 11.00 12.36 10.55
N SER A 233 12.21 11.82 10.70
CA SER A 233 12.70 10.74 9.84
C SER A 233 12.47 9.36 10.46
N GLU A 234 12.45 9.27 11.78
CA GLU A 234 12.17 8.03 12.47
C GLU A 234 11.34 8.34 13.71
N ILE A 235 10.49 7.39 14.08
CA ILE A 235 9.59 7.54 15.21
C ILE A 235 9.13 6.14 15.61
N ASP A 236 8.92 5.93 16.90
CA ASP A 236 8.42 4.65 17.38
C ASP A 236 6.91 4.71 17.60
N THR A 237 6.32 3.51 17.76
CA THR A 237 4.87 3.39 17.81
C THR A 237 4.28 4.15 18.99
N GLY A 238 4.93 4.08 20.16
CA GLY A 238 4.39 4.77 21.32
C GLY A 238 4.27 6.27 21.10
N THR A 239 5.35 6.90 20.62
CA THR A 239 5.31 8.33 20.32
C THR A 239 4.30 8.64 19.24
N LEU A 240 4.23 7.78 18.21
CA LEU A 240 3.35 8.05 17.08
C LEU A 240 1.89 7.93 17.46
N ALA A 241 1.54 6.92 18.27
CA ALA A 241 0.14 6.73 18.66
C ALA A 241 -0.37 7.92 19.47
N GLN A 242 0.51 8.62 20.18
CA GLN A 242 0.10 9.77 20.96
C GLN A 242 -0.25 10.96 20.07
N LEU A 243 0.34 11.03 18.87
CA LEU A 243 0.11 12.16 17.96
C LEU A 243 -0.98 11.89 16.94
N LEU A 244 -1.46 10.64 16.82
CA LEU A 244 -2.48 10.34 15.82
C LEU A 244 -3.74 11.17 15.98
N PRO A 245 -4.29 11.37 17.18
CA PRO A 245 -5.42 12.31 17.32
C PRO A 245 -5.07 13.75 16.95
N THR A 246 -3.79 14.07 16.78
CA THR A 246 -3.36 15.43 16.41
C THR A 246 -3.26 15.61 14.89
N LEU A 247 -3.02 14.53 14.16
CA LEU A 247 -2.64 14.61 12.76
C LEU A 247 -3.80 15.08 11.89
N GLU A 248 -3.45 15.46 10.66
CA GLU A 248 -4.40 15.97 9.69
C GLU A 248 -5.03 14.83 8.90
N SER A 249 -6.27 15.06 8.47
CA SER A 249 -7.10 14.14 7.70
C SER A 249 -6.31 13.17 6.83
N GLY A 250 -5.40 13.69 6.02
CA GLY A 250 -4.76 12.87 5.01
C GLY A 250 -3.82 11.83 5.59
N MET A 251 -3.02 12.22 6.58
CA MET A 251 -2.01 11.33 7.14
C MET A 251 -2.60 10.26 8.06
N VAL A 252 -3.81 10.48 8.58
CA VAL A 252 -4.37 9.57 9.59
C VAL A 252 -4.43 8.13 9.10
N PRO A 253 -5.00 7.83 7.92
CA PRO A 253 -5.03 6.42 7.48
C PRO A 253 -3.65 5.81 7.29
N LYS A 254 -2.71 6.56 6.69
CA LYS A 254 -1.37 6.03 6.51
C LYS A 254 -0.72 5.74 7.86
N VAL A 255 -0.93 6.61 8.84
CA VAL A 255 -0.34 6.41 10.16
C VAL A 255 -1.00 5.23 10.87
N GLU A 256 -2.32 5.13 10.81
CA GLU A 256 -3.00 4.01 11.46
C GLU A 256 -2.52 2.68 10.89
N ALA A 257 -2.28 2.62 9.58
CA ALA A 257 -1.79 1.39 8.98
C ALA A 257 -0.37 1.07 9.42
N CYS A 258 0.50 2.08 9.50
CA CYS A 258 1.85 1.84 10.01
C CYS A 258 1.81 1.33 11.45
N LEU A 259 0.93 1.91 12.27
CA LEU A 259 0.85 1.51 13.67
C LEU A 259 0.37 0.07 13.79
N ARG A 260 -0.71 -0.28 13.07
CA ARG A 260 -1.25 -1.64 13.17
C ARG A 260 -0.27 -2.68 12.68
N ALA A 261 0.48 -2.36 11.62
CA ALA A 261 1.41 -3.33 11.07
C ALA A 261 2.60 -3.57 12.01
N VAL A 262 3.21 -2.50 12.50
CA VAL A 262 4.40 -2.66 13.34
C VAL A 262 4.04 -3.25 14.69
N ILE A 263 2.92 -2.82 15.28
CA ILE A 263 2.44 -3.48 16.49
C ILE A 263 2.05 -4.93 16.19
N GLY A 264 1.56 -5.19 14.98
CA GLY A 264 1.25 -6.54 14.56
C GLY A 264 2.45 -7.41 14.22
N GLY A 265 3.68 -6.90 14.36
CA GLY A 265 4.87 -7.71 14.21
C GLY A 265 5.77 -7.36 13.05
N VAL A 266 5.34 -6.50 12.13
CA VAL A 266 6.19 -6.11 11.01
C VAL A 266 7.32 -5.24 11.58
N PRO A 267 8.60 -5.62 11.37
CA PRO A 267 9.70 -4.87 12.01
C PRO A 267 9.70 -3.37 11.73
N SER A 268 9.35 -2.93 10.52
CA SER A 268 9.33 -1.49 10.26
C SER A 268 8.30 -1.16 9.20
N ALA A 269 7.71 0.03 9.33
CA ALA A 269 6.79 0.58 8.35
C ALA A 269 7.29 1.94 7.91
N HIS A 270 7.04 2.28 6.65
CA HIS A 270 7.66 3.44 6.03
C HIS A 270 6.61 4.25 5.28
N ILE A 271 6.52 5.53 5.62
CA ILE A 271 5.72 6.50 4.86
C ILE A 271 6.73 7.28 4.02
N ILE A 272 6.68 7.09 2.70
CA ILE A 272 7.73 7.60 1.83
C ILE A 272 7.12 8.48 0.75
N ASP A 273 7.99 9.33 0.19
CA ASP A 273 7.56 10.37 -0.74
C ASP A 273 7.45 9.76 -2.14
N GLY A 274 6.22 9.43 -2.53
CA GLY A 274 5.99 8.91 -3.86
C GLY A 274 6.27 9.90 -4.99
N ARG A 275 6.53 11.16 -4.68
CA ARG A 275 6.92 12.08 -5.74
C ARG A 275 8.40 11.95 -6.11
N VAL A 276 9.17 11.24 -5.31
CA VAL A 276 10.60 11.04 -5.57
C VAL A 276 10.76 9.85 -6.50
N THR A 277 11.38 10.07 -7.67
CA THR A 277 11.61 8.97 -8.61
C THR A 277 12.46 7.87 -7.96
N HIS A 278 11.99 6.61 -8.08
CA HIS A 278 12.61 5.45 -7.47
C HIS A 278 12.62 5.56 -5.95
N CYS A 279 11.54 6.11 -5.38
CA CYS A 279 11.47 6.26 -3.93
C CYS A 279 11.62 4.93 -3.20
N VAL A 280 11.11 3.83 -3.78
CA VAL A 280 11.26 2.51 -3.16
C VAL A 280 12.74 2.16 -3.00
N LEU A 281 13.54 2.35 -4.05
CA LEU A 281 14.97 2.06 -3.95
C LEU A 281 15.64 2.92 -2.90
N VAL A 282 15.27 4.19 -2.84
CA VAL A 282 15.91 5.13 -1.91
C VAL A 282 15.57 4.76 -0.48
N GLU A 283 14.30 4.43 -0.21
CA GLU A 283 13.92 4.07 1.15
C GLU A 283 14.59 2.78 1.61
N LEU A 284 14.66 1.76 0.73
CA LEU A 284 15.16 0.46 1.19
C LEU A 284 16.67 0.40 1.26
N PHE A 285 17.37 1.04 0.32
CA PHE A 285 18.78 0.73 0.12
C PHE A 285 19.71 1.89 0.47
N THR A 286 19.19 2.98 1.04
CA THR A 286 20.04 4.00 1.64
C THR A 286 19.79 4.06 3.14
N ASP A 287 20.78 4.60 3.87
CA ASP A 287 20.62 4.75 5.31
C ASP A 287 19.58 5.82 5.65
N ALA A 288 19.53 6.90 4.85
CA ALA A 288 18.68 8.03 5.19
C ALA A 288 17.23 7.85 4.77
N GLY A 289 16.98 7.09 3.70
CA GLY A 289 15.64 6.91 3.16
C GLY A 289 15.09 8.22 2.57
N THR A 290 13.76 8.24 2.42
CA THR A 290 13.08 9.40 1.87
C THR A 290 11.67 9.47 2.43
N GLY A 291 11.58 9.65 3.75
CA GLY A 291 10.30 9.70 4.43
C GLY A 291 10.42 9.45 5.92
N THR A 292 9.46 8.73 6.49
CA THR A 292 9.42 8.46 7.92
C THR A 292 9.38 6.96 8.15
N LYS A 293 10.33 6.46 8.94
CA LYS A 293 10.42 5.03 9.26
C LYS A 293 9.87 4.80 10.67
N VAL A 294 8.90 3.90 10.78
CA VAL A 294 8.24 3.58 12.04
C VAL A 294 8.70 2.21 12.52
N VAL A 295 9.08 2.12 13.80
CA VAL A 295 9.46 0.87 14.43
C VAL A 295 8.83 0.82 15.82
N ARG A 296 8.89 -0.34 16.45
CA ARG A 296 8.28 -0.52 17.76
C ARG A 296 9.12 0.17 18.84
N GLY A 297 8.43 0.80 19.79
CA GLY A 297 9.09 1.44 20.92
C GLY A 297 8.14 2.12 21.88
N ARG B . 16.98 1.53 4.26
CA ARG B . 16.66 1.34 5.67
C ARG B . 15.35 0.58 5.83
O ARG B . 14.85 0.44 6.94
CB ARG B . 16.57 2.69 6.40
CG ARG B . 15.41 3.56 5.95
CD ARG B . 15.44 4.92 6.64
NE ARG B . 14.22 5.65 6.31
CZ ARG B . 13.83 6.78 6.93
NH1 ARG B . 12.71 7.39 6.57
NH2 ARG B . 14.60 7.30 7.89
OXT ARG B . 14.79 0.11 4.84
C3' NHE C . -21.00 -17.41 -4.93
C2' NHE C . -21.46 -16.19 -5.72
C1' NHE C . -22.03 -15.12 -4.81
C6' NHE C . -23.11 -15.65 -3.87
N NHE C . -22.58 -14.06 -5.63
C1 NHE C . -21.65 -12.95 -5.51
C2 NHE C . -21.93 -11.87 -6.54
S NHE C . -20.76 -10.53 -6.20
O1 NHE C . -21.18 -9.26 -6.94
O2 NHE C . -20.70 -10.29 -4.70
O3 NHE C . -19.36 -10.94 -6.56
C5' NHE C . -22.60 -16.84 -3.05
C4' NHE C . -22.06 -17.94 -3.96
C1 EDO D . -15.74 10.61 -4.10
O1 EDO D . -15.92 9.54 -3.17
C2 EDO D . -14.70 11.60 -3.59
O2 EDO D . -14.45 12.58 -4.60
#